data_6PWT
#
_entry.id   6PWT
#
_cell.length_a   33.167
_cell.length_b   33.167
_cell.length_c   207.814
_cell.angle_alpha   90.000
_cell.angle_beta   90.000
_cell.angle_gamma   120.000
#
_symmetry.space_group_name_H-M   'P 31 2 1'
#
loop_
_entity.id
_entity.type
_entity.pdbx_description
1 polymer 'Fc fragment of IgE receptor II'
2 branched 2-acetamido-2-deoxy-beta-D-glucopyranose-(1-2)-alpha-D-mannopyranose-(1-3)-[2-acetamido-2-deoxy-beta-D-glucopyranose-(1-2)-alpha-D-mannopyranose-(1-6)]alpha-D-mannopyranose
3 non-polymer 'CALCIUM ION'
4 water water
#
_entity_poly.entity_id   1
_entity_poly.type   'polypeptide(L)'
_entity_poly.pdbx_seq_one_letter_code
;ANGSVCNTCPEAWIYFQKKCYYFGEGAKKWIQARYACENLHGRLVSIHSPEEQDFLTKRANWRGSWIGLRDLDIEGEFIW
MDNQPLDYSNWQPGEPNDAGQGENCVMMLGSGKWNDAFCGSELHGWVCDRLATC
;
_entity_poly.pdbx_strand_id   A
#
loop_
_chem_comp.id
_chem_comp.type
_chem_comp.name
_chem_comp.formula
CA non-polymer 'CALCIUM ION' 'Ca 2'
MAN D-saccharide, alpha linking alpha-D-mannopyranose 'C6 H12 O6'
NAG D-saccharide, beta linking 2-acetamido-2-deoxy-beta-D-glucopyranose 'C8 H15 N O6'
#
# COMPACT_ATOMS: atom_id res chain seq x y z
N CYS A 6 16.42 -12.98 -12.08
CA CYS A 6 15.24 -12.33 -12.66
C CYS A 6 15.01 -11.00 -11.96
N ASN A 7 15.50 -9.90 -12.55
CA ASN A 7 15.40 -8.60 -11.91
C ASN A 7 14.93 -7.49 -12.85
N THR A 8 14.17 -7.80 -13.88
CA THR A 8 13.71 -6.76 -14.80
C THR A 8 12.39 -6.14 -14.37
N CYS A 9 12.29 -4.80 -14.50
CA CYS A 9 11.09 -4.04 -14.19
C CYS A 9 10.76 -3.13 -15.35
N PRO A 10 9.49 -2.77 -15.52
CA PRO A 10 9.11 -1.77 -16.52
C PRO A 10 9.68 -0.39 -16.21
N GLU A 11 9.79 0.43 -17.26
CA GLU A 11 10.20 1.81 -17.10
C GLU A 11 9.32 2.51 -16.06
N ALA A 12 9.97 3.28 -15.17
CA ALA A 12 9.45 4.10 -14.07
C ALA A 12 9.27 3.27 -12.81
N TRP A 13 9.37 1.95 -12.89
CA TRP A 13 9.27 1.13 -11.70
C TRP A 13 10.66 0.90 -11.11
N ILE A 14 10.68 0.53 -9.85
CA ILE A 14 11.91 0.42 -9.07
C ILE A 14 11.96 -1.01 -8.59
N TYR A 15 13.09 -1.66 -8.78
CA TYR A 15 13.23 -3.05 -8.40
C TYR A 15 13.61 -3.20 -6.94
N PHE A 16 12.98 -4.15 -6.27
CA PHE A 16 13.46 -4.55 -4.96
C PHE A 16 13.01 -5.98 -4.69
N GLN A 17 13.98 -6.87 -4.42
CA GLN A 17 13.78 -8.23 -3.95
C GLN A 17 12.60 -8.94 -4.58
N LYS A 18 12.73 -9.22 -5.89
CA LYS A 18 11.84 -10.05 -6.69
C LYS A 18 10.59 -9.30 -7.09
N LYS A 19 10.42 -8.04 -6.68
CA LYS A 19 9.21 -7.32 -6.99
C LYS A 19 9.57 -5.96 -7.61
N CYS A 20 8.57 -5.35 -8.22
CA CYS A 20 8.70 -4.05 -8.82
C CYS A 20 7.69 -3.13 -8.19
N TYR A 21 8.08 -1.88 -8.02
CA TYR A 21 7.27 -0.96 -7.29
C TYR A 21 7.06 0.31 -8.09
N TYR A 22 5.83 0.84 -8.00
CA TYR A 22 5.44 2.07 -8.68
C TYR A 22 5.00 3.05 -7.61
N PHE A 23 5.71 4.17 -7.52
CA PHE A 23 5.38 5.23 -6.57
C PHE A 23 4.55 6.26 -7.29
N GLY A 24 3.25 6.00 -7.30
CA GLY A 24 2.34 6.88 -7.97
C GLY A 24 2.19 8.14 -7.16
N GLU A 25 1.92 9.22 -7.86
CA GLU A 25 1.79 10.52 -7.25
C GLU A 25 0.55 11.16 -7.87
N GLY A 26 -0.22 11.88 -7.06
CA GLY A 26 -1.42 12.54 -7.52
C GLY A 26 -2.63 12.09 -6.73
N ALA A 27 -3.52 13.01 -6.40
CA ALA A 27 -4.58 12.73 -5.44
C ALA A 27 -5.54 11.64 -5.96
N LYS A 28 -5.73 10.61 -5.14
CA LYS A 28 -6.61 9.49 -5.45
C LYS A 28 -7.27 8.90 -4.21
N LYS A 29 -8.53 8.52 -4.37
CA LYS A 29 -9.17 7.67 -3.38
C LYS A 29 -8.57 6.27 -3.48
N TRP A 30 -8.82 5.48 -2.44
CA TRP A 30 -8.22 4.16 -2.35
C TRP A 30 -8.60 3.32 -3.56
N ILE A 31 -9.91 3.16 -3.79
CA ILE A 31 -10.43 2.40 -4.92
C ILE A 31 -9.83 2.91 -6.22
N GLN A 32 -9.59 4.23 -6.29
CA GLN A 32 -8.97 4.78 -7.48
C GLN A 32 -7.53 4.33 -7.63
N ALA A 33 -6.79 4.25 -6.53
CA ALA A 33 -5.42 3.74 -6.61
C ALA A 33 -5.40 2.25 -6.95
N ARG A 34 -6.33 1.48 -6.40
CA ARG A 34 -6.44 0.07 -6.78
C ARG A 34 -6.58 -0.05 -8.29
N TYR A 35 -7.50 0.71 -8.87
CA TYR A 35 -7.71 0.56 -10.30
C TYR A 35 -6.55 1.17 -11.10
N ALA A 36 -5.89 2.20 -10.56
CA ALA A 36 -4.70 2.74 -11.22
C ALA A 36 -3.57 1.72 -11.27
N CYS A 37 -3.35 0.97 -10.18
CA CYS A 37 -2.33 -0.06 -10.19
C CYS A 37 -2.70 -1.15 -11.19
N GLU A 38 -3.99 -1.56 -11.20
CA GLU A 38 -4.38 -2.59 -12.17
C GLU A 38 -4.20 -2.09 -13.60
N ASN A 39 -4.45 -0.79 -13.82
CA ASN A 39 -4.24 -0.16 -15.11
C ASN A 39 -2.75 -0.17 -15.51
N LEU A 40 -1.86 -0.16 -14.52
CA LEU A 40 -0.43 -0.28 -14.82
C LEU A 40 0.05 -1.71 -14.70
N HIS A 41 -0.85 -2.69 -14.65
CA HIS A 41 -0.48 -4.10 -14.58
C HIS A 41 0.19 -4.46 -13.26
N GLY A 42 -0.31 -3.91 -12.16
CA GLY A 42 0.16 -4.28 -10.83
C GLY A 42 -0.97 -4.27 -9.84
N ARG A 43 -0.67 -4.29 -8.54
CA ARG A 43 -1.70 -4.18 -7.51
C ARG A 43 -1.19 -3.23 -6.43
N LEU A 44 -2.11 -2.64 -5.68
CA LEU A 44 -1.66 -1.88 -4.52
C LEU A 44 -0.74 -2.75 -3.69
N VAL A 45 0.31 -2.14 -3.15
CA VAL A 45 1.43 -2.87 -2.62
C VAL A 45 1.03 -3.70 -1.40
N SER A 46 1.61 -4.88 -1.32
CA SER A 46 1.47 -5.75 -0.16
C SER A 46 2.85 -5.87 0.46
N ILE A 47 2.90 -5.85 1.79
CA ILE A 47 4.13 -5.67 2.53
C ILE A 47 4.22 -6.85 3.49
N HIS A 48 5.32 -7.60 3.44
CA HIS A 48 5.39 -8.87 4.14
C HIS A 48 6.69 -9.02 4.92
N SER A 49 7.46 -7.95 5.09
CA SER A 49 8.68 -8.01 5.88
C SER A 49 9.12 -6.58 6.22
N PRO A 50 9.95 -6.43 7.27
CA PRO A 50 10.54 -5.11 7.56
C PRO A 50 11.48 -4.63 6.47
N GLU A 51 12.17 -5.54 5.75
CA GLU A 51 13.09 -5.07 4.70
C GLU A 51 12.31 -4.42 3.56
N GLU A 52 11.17 -5.02 3.15
CA GLU A 52 10.33 -4.41 2.13
C GLU A 52 9.77 -3.07 2.60
N GLN A 53 9.29 -3.02 3.85
CA GLN A 53 8.82 -1.77 4.42
C GLN A 53 9.90 -0.69 4.47
N ASP A 54 11.14 -1.06 4.83
CA ASP A 54 12.19 -0.06 4.88
C ASP A 54 12.42 0.54 3.48
N PHE A 55 12.47 -0.33 2.47
CA PHE A 55 12.58 0.11 1.08
C PHE A 55 11.46 1.07 0.71
N LEU A 56 10.21 0.73 1.11
CA LEU A 56 9.03 1.54 0.77
C LEU A 56 9.02 2.86 1.53
N THR A 57 9.31 2.83 2.83
CA THR A 57 9.34 4.04 3.64
C THR A 57 10.30 5.06 3.01
N LYS A 58 11.50 4.61 2.60
CA LYS A 58 12.48 5.53 2.04
C LYS A 58 11.92 6.30 0.85
N ARG A 59 11.32 5.61 -0.10
CA ARG A 59 10.91 6.31 -1.31
C ARG A 59 9.47 6.84 -1.27
N ALA A 60 8.75 6.67 -0.16
CA ALA A 60 7.32 6.97 -0.06
C ALA A 60 7.02 8.48 -0.02
N ASN A 61 5.84 8.87 -0.51
CA ASN A 61 5.40 10.26 -0.41
C ASN A 61 5.10 10.59 1.05
N TRP A 62 5.72 11.64 1.56
CA TRP A 62 5.67 12.04 2.97
C TRP A 62 4.30 12.56 3.41
N ARG A 63 3.41 12.85 2.48
CA ARG A 63 2.04 13.28 2.77
C ARG A 63 1.06 12.12 2.88
N GLY A 64 1.55 10.91 2.75
CA GLY A 64 0.77 9.70 2.88
C GLY A 64 0.50 9.04 1.54
N SER A 65 0.26 7.74 1.58
CA SER A 65 0.08 6.97 0.36
C SER A 65 -0.75 5.73 0.67
N TRP A 66 -1.58 5.33 -0.31
CA TRP A 66 -2.38 4.12 -0.14
C TRP A 66 -1.52 2.89 -0.28
N ILE A 67 -1.83 1.86 0.51
CA ILE A 67 -1.23 0.55 0.33
C ILE A 67 -2.36 -0.47 0.14
N GLY A 68 -1.97 -1.71 -0.15
CA GLY A 68 -2.94 -2.73 -0.49
C GLY A 68 -3.51 -3.51 0.68
N LEU A 69 -4.09 -2.81 1.66
CA LEU A 69 -4.56 -3.48 2.87
C LEU A 69 -5.92 -2.86 3.21
N ARG A 70 -6.92 -3.70 3.46
CA ARG A 70 -8.28 -3.19 3.66
C ARG A 70 -9.05 -4.22 4.46
N ASP A 71 -10.10 -3.76 5.15
CA ASP A 71 -11.03 -4.64 5.86
C ASP A 71 -12.48 -4.47 5.40
N LEU A 72 -12.66 -4.24 4.11
CA LEU A 72 -13.98 -4.09 3.52
C LEU A 72 -14.85 -5.33 3.76
N ASP A 73 -14.28 -6.54 3.65
CA ASP A 73 -15.12 -7.75 3.63
C ASP A 73 -15.66 -8.11 5.01
N ILE A 74 -14.81 -8.12 6.02
CA ILE A 74 -15.19 -8.33 7.42
C ILE A 74 -14.52 -7.25 8.25
N GLU A 75 -15.32 -6.45 8.95
CA GLU A 75 -14.78 -5.37 9.77
C GLU A 75 -13.75 -5.93 10.77
N GLY A 76 -12.59 -5.26 10.83
CA GLY A 76 -11.46 -5.59 11.68
C GLY A 76 -10.50 -6.65 11.14
N GLU A 77 -10.83 -7.34 10.04
CA GLU A 77 -9.97 -8.35 9.41
C GLU A 77 -9.37 -7.77 8.15
N PHE A 78 -8.09 -7.36 8.22
CA PHE A 78 -7.40 -6.76 7.09
C PHE A 78 -6.84 -7.81 6.14
N ILE A 79 -6.89 -7.51 4.87
CA ILE A 79 -6.45 -8.40 3.80
C ILE A 79 -5.58 -7.63 2.81
N TRP A 80 -4.48 -8.24 2.42
CA TRP A 80 -3.58 -7.72 1.40
C TRP A 80 -4.11 -8.05 0.01
N MET A 81 -3.75 -7.21 -0.97
CA MET A 81 -4.00 -7.53 -2.38
C MET A 81 -3.43 -8.86 -2.83
N ASP A 82 -2.31 -9.28 -2.28
CA ASP A 82 -1.76 -10.56 -2.70
C ASP A 82 -2.36 -11.76 -1.96
N ASN A 83 -3.33 -11.53 -1.06
CA ASN A 83 -4.03 -12.58 -0.32
C ASN A 83 -3.12 -13.40 0.58
N GLN A 84 -1.92 -12.92 0.87
CA GLN A 84 -1.03 -13.64 1.76
C GLN A 84 -1.37 -13.22 3.19
N PRO A 85 -0.81 -13.90 4.19
CA PRO A 85 -1.24 -13.63 5.57
C PRO A 85 -0.86 -12.24 6.08
N LEU A 86 -1.54 -11.87 7.16
CA LEU A 86 -1.30 -10.65 7.93
C LEU A 86 -0.20 -10.91 8.95
N ASP A 87 1.04 -11.01 8.47
CA ASP A 87 2.10 -11.52 9.33
C ASP A 87 2.97 -10.36 9.78
N TYR A 88 3.56 -9.62 8.87
CA TYR A 88 4.32 -8.48 9.28
C TYR A 88 3.34 -7.33 9.44
N SER A 89 3.42 -6.60 10.55
CA SER A 89 2.61 -5.41 10.71
C SER A 89 3.52 -4.28 11.13
N ASN A 90 3.07 -3.07 10.81
CA ASN A 90 3.72 -1.82 11.16
C ASN A 90 2.70 -0.76 11.57
N TRP A 91 1.70 -1.14 12.37
CA TRP A 91 0.67 -0.17 12.73
C TRP A 91 1.27 0.94 13.54
N GLN A 92 0.90 2.17 13.18
CA GLN A 92 1.10 3.26 14.10
C GLN A 92 0.45 2.88 15.43
N PRO A 93 1.11 3.14 16.56
CA PRO A 93 0.50 2.83 17.85
C PRO A 93 -0.90 3.40 17.92
N GLY A 94 -1.85 2.58 18.37
CA GLY A 94 -3.25 2.93 18.50
C GLY A 94 -4.10 2.62 17.29
N GLU A 95 -3.49 2.32 16.16
CA GLU A 95 -4.18 1.91 14.95
C GLU A 95 -4.15 0.38 14.83
N PRO A 96 -5.09 -0.22 14.09
CA PRO A 96 -6.28 0.47 13.55
C PRO A 96 -7.32 0.85 14.59
N ASN A 97 -8.03 1.95 14.38
CA ASN A 97 -9.03 2.40 15.34
C ASN A 97 -10.42 2.57 14.72
N ASP A 98 -10.56 2.38 13.42
CA ASP A 98 -11.86 2.49 12.73
C ASP A 98 -12.56 3.78 13.19
N ALA A 99 -11.81 4.89 13.17
CA ALA A 99 -12.29 6.17 13.67
C ALA A 99 -13.20 6.85 12.65
N GLY A 100 -13.61 8.06 12.98
CA GLY A 100 -14.63 8.71 12.18
C GLY A 100 -15.91 7.91 12.08
N GLN A 101 -16.51 7.92 10.91
CA GLN A 101 -17.64 7.02 10.69
C GLN A 101 -17.22 5.75 9.98
N GLY A 102 -15.93 5.47 9.97
CA GLY A 102 -15.51 4.21 9.45
C GLY A 102 -14.22 4.36 8.69
N GLU A 103 -13.24 3.54 8.99
CA GLU A 103 -11.98 3.56 8.27
C GLU A 103 -11.67 2.14 7.83
N ASN A 104 -11.69 1.86 6.54
CA ASN A 104 -11.56 0.50 6.05
C ASN A 104 -10.39 0.34 5.08
N CYS A 105 -9.59 1.38 4.88
CA CYS A 105 -8.47 1.31 3.94
C CYS A 105 -7.21 1.80 4.61
N VAL A 106 -6.08 1.12 4.39
CA VAL A 106 -4.85 1.41 5.12
C VAL A 106 -3.92 2.26 4.27
N MET A 107 -3.36 3.31 4.91
CA MET A 107 -2.38 4.23 4.35
C MET A 107 -1.10 4.12 5.15
N MET A 108 0.02 4.51 4.53
CA MET A 108 1.25 4.77 5.27
C MET A 108 1.29 6.25 5.62
N LEU A 109 1.57 6.53 6.89
CA LEU A 109 1.95 7.86 7.32
C LEU A 109 3.34 8.21 6.77
N GLY A 110 3.77 9.45 7.03
CA GLY A 110 5.12 9.84 6.61
C GLY A 110 6.19 9.00 7.27
N SER A 111 5.89 8.41 8.42
CA SER A 111 6.83 7.57 9.14
C SER A 111 6.87 6.14 8.64
N GLY A 112 6.00 5.78 7.70
CA GLY A 112 5.86 4.41 7.29
C GLY A 112 4.89 3.63 8.14
N LYS A 113 4.52 4.14 9.29
CA LYS A 113 3.57 3.45 10.14
C LYS A 113 2.20 3.51 9.47
N TRP A 114 1.43 2.44 9.68
CA TRP A 114 0.15 2.27 9.02
C TRP A 114 -0.98 2.92 9.81
N ASN A 115 -1.95 3.48 9.10
CA ASN A 115 -3.13 4.04 9.73
C ASN A 115 -4.27 3.61 8.84
N ASP A 116 -5.32 3.07 9.43
CA ASP A 116 -6.56 2.89 8.69
C ASP A 116 -7.25 4.21 8.52
N ALA A 117 -7.77 4.45 7.32
CA ALA A 117 -8.39 5.72 6.94
C ALA A 117 -9.70 5.48 6.20
N PHE A 118 -10.49 6.56 6.14
CA PHE A 118 -11.70 6.56 5.34
C PHE A 118 -11.33 6.30 3.89
N CYS A 119 -11.98 5.29 3.31
CA CYS A 119 -11.63 4.88 1.96
C CYS A 119 -11.85 5.99 0.95
N GLY A 120 -12.71 6.99 1.25
CA GLY A 120 -12.90 8.10 0.34
C GLY A 120 -11.95 9.29 0.49
N SER A 121 -10.95 9.19 1.38
CA SER A 121 -9.94 10.22 1.55
C SER A 121 -9.08 10.30 0.30
N GLU A 122 -8.70 11.51 -0.09
CA GLU A 122 -7.93 11.72 -1.32
C GLU A 122 -6.43 11.89 -1.04
N LEU A 123 -5.72 10.77 -0.85
CA LEU A 123 -4.30 10.83 -0.53
C LEU A 123 -3.51 11.13 -1.80
N HIS A 124 -2.34 11.77 -1.64
CA HIS A 124 -1.51 12.20 -2.77
C HIS A 124 -0.51 11.17 -3.29
N GLY A 125 -0.31 10.05 -2.59
CA GLY A 125 0.59 9.02 -3.07
C GLY A 125 -0.05 7.65 -3.01
N TRP A 126 0.49 6.73 -3.79
CA TRP A 126 -0.05 5.38 -3.77
C TRP A 126 1.03 4.51 -4.38
N VAL A 127 1.15 3.29 -3.89
CA VAL A 127 2.25 2.43 -4.29
C VAL A 127 1.70 1.14 -4.87
N CYS A 128 2.18 0.78 -6.03
CA CYS A 128 1.83 -0.48 -6.65
C CYS A 128 3.04 -1.38 -6.57
N ASP A 129 2.78 -2.69 -6.71
CA ASP A 129 3.83 -3.69 -6.85
C ASP A 129 3.45 -4.62 -8.00
N ARG A 130 4.46 -5.41 -8.39
CA ARG A 130 4.39 -6.43 -9.44
C ARG A 130 5.45 -7.47 -9.10
N LEU A 131 5.41 -8.61 -9.79
CA LEU A 131 6.55 -9.52 -9.74
C LEU A 131 7.58 -9.12 -10.79
N ALA A 132 8.85 -9.06 -10.40
CA ALA A 132 9.89 -8.94 -11.40
C ALA A 132 9.90 -10.17 -12.29
N THR A 133 10.26 -9.96 -13.54
CA THR A 133 10.37 -11.02 -14.53
C THR A 133 11.83 -11.29 -14.82
N CYS A 134 12.06 -12.24 -15.73
CA CYS A 134 13.41 -12.74 -15.99
C CYS A 134 14.08 -12.20 -17.24
C1 MAN B . -9.78 12.62 16.44
C2 MAN B . -9.09 11.54 15.56
C3 MAN B . -8.72 12.08 14.14
C4 MAN B . -9.85 12.92 13.53
C5 MAN B . -10.25 14.02 14.51
C6 MAN B . -11.40 14.89 14.01
O1 MAN B . -8.79 13.39 17.12
O2 MAN B . -9.97 10.40 15.34
O3 MAN B . -8.42 10.99 13.25
O4 MAN B . -9.45 13.47 12.24
O5 MAN B . -10.71 13.40 15.73
O6 MAN B . -11.99 15.47 15.17
C1 MAN B . -7.23 11.22 12.48
C2 MAN B . -7.29 10.28 11.31
C3 MAN B . -7.56 8.91 11.90
C4 MAN B . -6.35 8.53 12.76
C5 MAN B . -6.22 9.59 13.88
C6 MAN B . -4.98 9.40 14.71
O2 MAN B . -5.97 10.15 10.75
O3 MAN B . -7.78 7.90 10.95
O4 MAN B . -6.51 7.24 13.32
O5 MAN B . -6.16 10.90 13.29
O6 MAN B . -5.24 9.97 15.98
C1 NAG B . -5.76 11.01 9.61
C2 NAG B . -4.24 11.13 9.40
C3 NAG B . -3.91 11.82 8.08
C4 NAG B . -4.64 11.14 6.93
C5 NAG B . -6.13 11.18 7.23
C6 NAG B . -6.99 10.52 6.17
C7 NAG B . -2.96 11.25 11.50
C8 NAG B . -2.44 12.14 12.58
N2 NAG B . -3.63 11.84 10.52
O3 NAG B . -2.51 11.80 7.85
O4 NAG B . -4.36 11.81 5.71
O5 NAG B . -6.39 10.47 8.44
O6 NAG B . -8.29 10.23 6.67
O7 NAG B . -2.76 10.03 11.51
C1 MAN B . -13.15 16.22 14.83
C2 MAN B . -12.88 17.66 15.04
C3 MAN B . -12.50 17.83 16.51
C4 MAN B . -13.70 17.44 17.34
C5 MAN B . -13.97 15.95 17.07
C6 MAN B . -15.19 15.44 17.80
O2 MAN B . -14.14 18.35 14.92
O3 MAN B . -12.08 19.14 16.85
O4 MAN B . -13.43 17.65 18.73
O5 MAN B . -14.21 15.80 15.65
O6 MAN B . -14.94 14.08 18.14
C1 NAG B . -14.40 18.63 13.53
C2 NAG B . -15.93 18.67 13.31
C3 NAG B . -16.28 19.28 11.95
C4 NAG B . -15.58 20.61 11.77
C5 NAG B . -14.08 20.39 11.90
C6 NAG B . -13.25 21.63 11.74
C7 NAG B . -17.16 16.88 14.47
C8 NAG B . -17.61 15.46 14.41
N2 NAG B . -16.48 17.32 13.41
O3 NAG B . -17.69 19.44 11.85
O4 NAG B . -15.89 21.16 10.49
O5 NAG B . -13.82 19.90 13.23
O6 NAG B . -11.94 21.43 12.26
O7 NAG B . -17.42 17.60 15.43
CA CA C . -7.13 5.47 11.88
CA CA D . -12.67 -0.80 9.15
#